data_5KX2
#
_entry.id   5KX2
#
_entity_poly.entity_id   1
_entity_poly.type   'polypeptide(L)'
_entity_poly.pdbx_seq_one_letter_code
;PVTWCVRI(DPR)PTVRCTVR(DPR)
;
_entity_poly.pdbx_strand_id   A
#
# COMPACT_ATOMS: atom_id res chain seq x y z
N PRO A 1 -7.01 -10.54 -1.19
CA PRO A 1 -5.92 -11.25 -0.56
C PRO A 1 -4.54 -10.69 -0.95
N VAL A 2 -4.53 -9.63 -1.76
CA VAL A 2 -3.28 -9.05 -2.23
C VAL A 2 -3.03 -7.70 -1.56
N THR A 3 -1.85 -7.50 -1.05
CA THR A 3 -1.51 -6.27 -0.39
C THR A 3 -0.59 -5.43 -1.28
N TRP A 4 -0.94 -4.18 -1.50
CA TRP A 4 -0.14 -3.29 -2.30
C TRP A 4 0.44 -2.20 -1.44
N CYS A 5 1.69 -2.32 -1.08
CA CYS A 5 2.35 -1.31 -0.28
C CYS A 5 3.03 -0.29 -1.17
N VAL A 6 2.39 0.82 -1.37
CA VAL A 6 2.89 1.88 -2.20
C VAL A 6 3.28 3.05 -1.33
N ARG A 7 4.01 3.98 -1.85
CA ARG A 7 4.37 5.12 -1.08
C ARG A 7 4.02 6.40 -1.78
N ILE A 8 3.51 7.30 -1.02
CA ILE A 8 3.18 8.62 -1.48
C ILE A 8 4.16 9.53 -0.76
N DPR A 9 5.16 10.04 -1.47
CA DPR A 9 6.22 10.84 -0.87
CB DPR A 9 7.16 11.14 -2.04
CG DPR A 9 6.32 10.97 -3.25
CD DPR A 9 5.34 9.89 -2.93
C DPR A 9 6.96 10.02 0.19
O DPR A 9 7.43 8.90 -0.09
HA DPR A 9 5.84 11.76 -0.44
HB2 DPR A 9 7.98 10.43 -2.03
HB3 DPR A 9 7.54 12.15 -1.95
HG2 DPR A 9 6.95 10.67 -4.08
HG3 DPR A 9 5.82 11.90 -3.48
HD2 DPR A 9 5.75 8.92 -3.17
HD3 DPR A 9 4.42 10.07 -3.45
N PRO A 10 7.04 10.52 1.43
CA PRO A 10 7.70 9.82 2.52
C PRO A 10 6.76 8.87 3.27
N THR A 11 5.51 8.83 2.87
CA THR A 11 4.53 8.04 3.57
C THR A 11 4.21 6.77 2.79
N VAL A 12 4.35 5.66 3.44
CA VAL A 12 4.08 4.37 2.83
C VAL A 12 2.73 3.88 3.31
N ARG A 13 1.95 3.35 2.41
CA ARG A 13 0.64 2.85 2.73
C ARG A 13 0.44 1.48 2.10
N CYS A 14 -0.17 0.61 2.82
CA CYS A 14 -0.47 -0.69 2.32
C CYS A 14 -1.95 -0.82 2.10
N THR A 15 -2.34 -0.77 0.86
CA THR A 15 -3.71 -0.93 0.50
C THR A 15 -3.94 -2.41 0.24
N VAL A 16 -4.90 -2.98 0.89
CA VAL A 16 -5.16 -4.36 0.68
C VAL A 16 -6.30 -4.50 -0.30
N ARG A 17 -6.07 -5.27 -1.32
CA ARG A 17 -7.05 -5.53 -2.33
C ARG A 17 -7.35 -7.01 -2.29
N DPR A 18 -8.41 -7.41 -1.58
CA DPR A 18 -8.75 -8.81 -1.40
CB DPR A 18 -10.05 -8.78 -0.58
CG DPR A 18 -10.07 -7.43 0.06
CD DPR A 18 -9.35 -6.52 -0.87
C DPR A 18 -7.64 -9.52 -0.61
O DPR A 18 -7.32 -9.14 0.52
HA DPR A 18 -8.90 -9.29 -2.34
HB2 DPR A 18 -10.04 -9.57 0.15
HB3 DPR A 18 -10.89 -8.90 -1.25
HG2 DPR A 18 -9.55 -7.49 1.01
HG3 DPR A 18 -11.08 -7.10 0.21
HD2 DPR A 18 -8.81 -5.76 -0.31
HD3 DPR A 18 -10.03 -6.05 -1.57
N PRO A 1 -6.91 -10.43 -1.53
CA PRO A 1 -5.84 -11.12 -0.84
C PRO A 1 -4.46 -10.49 -1.13
N VAL A 2 -4.42 -9.34 -1.80
CA VAL A 2 -3.14 -8.74 -2.17
C VAL A 2 -2.90 -7.44 -1.39
N THR A 3 -1.74 -7.35 -0.79
CA THR A 3 -1.35 -6.17 -0.05
C THR A 3 -0.58 -5.23 -0.99
N TRP A 4 -1.13 -4.06 -1.24
CA TRP A 4 -0.46 -3.12 -2.10
C TRP A 4 0.19 -2.04 -1.29
N CYS A 5 1.49 -2.02 -1.30
CA CYS A 5 2.25 -1.01 -0.62
C CYS A 5 2.82 -0.05 -1.62
N VAL A 6 2.33 1.15 -1.60
CA VAL A 6 2.78 2.18 -2.49
C VAL A 6 3.38 3.29 -1.67
N ARG A 7 4.59 3.66 -1.98
CA ARG A 7 5.23 4.74 -1.28
C ARG A 7 4.83 6.08 -1.89
N ILE A 8 3.93 6.73 -1.24
CA ILE A 8 3.45 8.02 -1.68
C ILE A 8 4.21 9.06 -0.88
N DPR A 9 5.20 9.72 -1.47
CA DPR A 9 6.07 10.63 -0.75
CB DPR A 9 7.13 11.01 -1.78
CG DPR A 9 6.45 10.83 -3.08
CD DPR A 9 5.53 9.66 -2.91
C DPR A 9 6.73 9.90 0.45
O DPR A 9 7.34 8.83 0.29
HA DPR A 9 5.55 11.51 -0.40
HB2 DPR A 9 7.98 10.34 -1.69
HB3 DPR A 9 7.44 12.02 -1.62
HG2 DPR A 9 7.18 10.62 -3.85
HG3 DPR A 9 5.89 11.72 -3.33
HD2 DPR A 9 6.03 8.74 -3.15
HD3 DPR A 9 4.65 9.79 -3.52
N PRO A 10 6.56 10.43 1.65
CA PRO A 10 7.10 9.82 2.85
C PRO A 10 6.12 8.83 3.49
N THR A 11 4.97 8.65 2.88
CA THR A 11 3.96 7.80 3.43
C THR A 11 3.81 6.52 2.62
N VAL A 12 4.22 5.43 3.19
CA VAL A 12 4.05 4.16 2.57
C VAL A 12 2.66 3.69 2.93
N ARG A 13 1.85 3.49 1.94
CA ARG A 13 0.51 3.07 2.16
C ARG A 13 0.35 1.61 1.75
N CYS A 14 0.13 0.78 2.73
CA CYS A 14 -0.11 -0.63 2.51
C CYS A 14 -1.59 -0.92 2.68
N THR A 15 -2.30 -0.86 1.60
CA THR A 15 -3.71 -1.11 1.60
C THR A 15 -3.99 -2.41 0.85
N VAL A 16 -4.72 -3.29 1.48
CA VAL A 16 -5.02 -4.55 0.88
C VAL A 16 -6.19 -4.46 -0.10
N ARG A 17 -6.07 -5.16 -1.17
CA ARG A 17 -7.09 -5.29 -2.17
C ARG A 17 -7.31 -6.77 -2.35
N DPR A 18 -8.38 -7.29 -1.79
CA DPR A 18 -8.64 -8.72 -1.82
CB DPR A 18 -10.03 -8.86 -1.19
CG DPR A 18 -10.21 -7.64 -0.37
CD DPR A 18 -9.43 -6.55 -1.06
C DPR A 18 -7.58 -9.43 -0.98
O DPR A 18 -7.32 -9.05 0.16
HA DPR A 18 -8.64 -9.10 -2.83
HB2 DPR A 18 -10.06 -9.75 -0.58
HB3 DPR A 18 -10.78 -8.93 -1.97
HG2 DPR A 18 -9.82 -7.80 0.63
HG3 DPR A 18 -11.26 -7.38 -0.31
HD2 DPR A 18 -9.00 -5.89 -0.32
HD3 DPR A 18 -10.08 -6.01 -1.73
N PRO A 1 -6.25 -10.93 -1.04
CA PRO A 1 -5.00 -11.48 -0.56
C PRO A 1 -3.76 -10.68 -1.01
N VAL A 2 -3.96 -9.55 -1.66
CA VAL A 2 -2.83 -8.77 -2.12
C VAL A 2 -2.77 -7.41 -1.44
N THR A 3 -1.72 -7.14 -0.73
CA THR A 3 -1.54 -5.86 -0.11
C THR A 3 -0.73 -4.95 -1.03
N TRP A 4 -1.35 -3.93 -1.54
CA TRP A 4 -0.72 -2.99 -2.42
C TRP A 4 -0.19 -1.84 -1.60
N CYS A 5 1.09 -1.73 -1.51
CA CYS A 5 1.68 -0.66 -0.77
C CYS A 5 2.26 0.37 -1.72
N VAL A 6 1.59 1.47 -1.83
CA VAL A 6 1.99 2.54 -2.69
C VAL A 6 2.71 3.57 -1.84
N ARG A 7 3.74 4.16 -2.36
CA ARG A 7 4.53 5.06 -1.59
C ARG A 7 4.50 6.47 -2.14
N ILE A 8 4.21 7.40 -1.28
CA ILE A 8 4.22 8.80 -1.61
C ILE A 8 5.20 9.46 -0.65
N DPR A 9 6.44 9.72 -1.10
CA DPR A 9 7.50 10.26 -0.25
CB DPR A 9 8.72 10.29 -1.17
CG DPR A 9 8.15 10.32 -2.55
CD DPR A 9 6.90 9.51 -2.49
C DPR A 9 7.77 9.32 0.94
O DPR A 9 8.03 8.13 0.75
HA DPR A 9 7.26 11.25 0.10
HB2 DPR A 9 9.31 9.40 -1.01
HB3 DPR A 9 9.31 11.17 -0.96
HG2 DPR A 9 8.85 9.88 -3.24
HG3 DPR A 9 7.93 11.35 -2.83
HD2 DPR A 9 7.10 8.47 -2.68
HD3 DPR A 9 6.18 9.90 -3.20
N PRO A 10 7.67 9.83 2.17
CA PRO A 10 7.88 9.03 3.36
C PRO A 10 6.63 8.25 3.79
N THR A 11 5.53 8.48 3.11
CA THR A 11 4.29 7.87 3.46
C THR A 11 3.98 6.67 2.56
N VAL A 12 3.94 5.52 3.14
CA VAL A 12 3.62 4.32 2.44
C VAL A 12 2.20 3.91 2.82
N ARG A 13 1.38 3.65 1.84
CA ARG A 13 0.02 3.26 2.08
C ARG A 13 -0.19 1.83 1.65
N CYS A 14 -0.48 0.99 2.58
CA CYS A 14 -0.76 -0.37 2.29
C CYS A 14 -2.25 -0.61 2.26
N THR A 15 -2.76 -0.72 1.07
CA THR A 15 -4.14 -0.94 0.82
C THR A 15 -4.30 -2.40 0.36
N VAL A 16 -5.06 -3.17 1.08
CA VAL A 16 -5.20 -4.56 0.76
C VAL A 16 -6.41 -4.79 -0.15
N ARG A 17 -6.19 -5.58 -1.17
CA ARG A 17 -7.23 -6.00 -2.07
C ARG A 17 -7.26 -7.52 -2.00
N DPR A 18 -8.16 -8.08 -1.17
CA DPR A 18 -8.25 -9.52 -0.97
CB DPR A 18 -9.43 -9.70 -0.01
CG DPR A 18 -10.18 -8.42 -0.06
CD DPR A 18 -9.17 -7.36 -0.36
C DPR A 18 -6.96 -10.05 -0.35
O DPR A 18 -6.60 -9.66 0.77
HA DPR A 18 -8.45 -10.04 -1.90
HB2 DPR A 18 -9.04 -9.89 0.99
HB3 DPR A 18 -10.04 -10.54 -0.32
HG2 DPR A 18 -10.64 -8.23 0.89
HG3 DPR A 18 -10.92 -8.47 -0.84
HD2 DPR A 18 -8.73 -6.98 0.55
HD3 DPR A 18 -9.64 -6.57 -0.92
N PRO A 1 -6.72 -10.74 -0.89
CA PRO A 1 -5.51 -11.37 -0.37
C PRO A 1 -4.21 -10.69 -0.86
N VAL A 2 -4.34 -9.59 -1.58
CA VAL A 2 -3.17 -8.90 -2.12
C VAL A 2 -2.94 -7.59 -1.38
N THR A 3 -1.71 -7.30 -1.06
CA THR A 3 -1.36 -6.08 -0.39
C THR A 3 -0.50 -5.23 -1.32
N TRP A 4 -0.94 -4.03 -1.61
CA TRP A 4 -0.18 -3.12 -2.44
C TRP A 4 0.31 -1.98 -1.57
N CYS A 5 1.55 -2.04 -1.19
CA CYS A 5 2.13 -0.97 -0.42
C CYS A 5 2.76 0.03 -1.35
N VAL A 6 2.10 1.13 -1.51
CA VAL A 6 2.56 2.19 -2.37
C VAL A 6 3.14 3.29 -1.50
N ARG A 7 4.04 4.06 -2.03
CA ARG A 7 4.65 5.09 -1.23
C ARG A 7 4.36 6.45 -1.82
N ILE A 8 3.74 7.27 -1.01
CA ILE A 8 3.41 8.61 -1.33
C ILE A 8 4.38 9.49 -0.56
N DPR A 9 5.41 10.02 -1.22
CA DPR A 9 6.47 10.74 -0.56
CB DPR A 9 7.42 11.14 -1.70
CG DPR A 9 7.07 10.24 -2.83
CD DPR A 9 5.62 9.94 -2.68
C DPR A 9 7.19 9.81 0.43
O DPR A 9 7.69 8.74 0.04
HA DPR A 9 6.09 11.62 -0.05
HB2 DPR A 9 8.44 11.00 -1.39
HB3 DPR A 9 7.25 12.17 -1.97
HG2 DPR A 9 7.64 9.33 -2.75
HG3 DPR A 9 7.27 10.73 -3.76
HD2 DPR A 9 5.41 8.95 -3.06
HD3 DPR A 9 5.02 10.69 -3.20
N PRO A 10 7.26 10.17 1.71
CA PRO A 10 7.87 9.33 2.71
C PRO A 10 6.84 8.45 3.45
N THR A 11 5.59 8.50 3.03
CA THR A 11 4.55 7.76 3.67
C THR A 11 4.17 6.55 2.83
N VAL A 12 4.30 5.39 3.40
CA VAL A 12 3.91 4.19 2.73
C VAL A 12 2.48 3.83 3.14
N ARG A 13 1.69 3.46 2.19
CA ARG A 13 0.33 3.12 2.43
C ARG A 13 0.04 1.77 1.80
N CYS A 14 -0.50 0.87 2.57
CA CYS A 14 -0.75 -0.45 2.09
C CYS A 14 -2.22 -0.67 1.82
N THR A 15 -2.55 -0.63 0.56
CA THR A 15 -3.89 -0.85 0.14
C THR A 15 -4.09 -2.33 -0.12
N VAL A 16 -4.89 -2.95 0.70
CA VAL A 16 -5.15 -4.35 0.60
C VAL A 16 -6.35 -4.58 -0.29
N ARG A 17 -6.18 -5.44 -1.25
CA ARG A 17 -7.23 -5.81 -2.15
C ARG A 17 -7.41 -7.30 -2.00
N DPR A 18 -8.41 -7.74 -1.22
CA DPR A 18 -8.61 -9.16 -0.93
CB DPR A 18 -9.79 -9.18 0.05
CG DPR A 18 -10.49 -7.88 -0.17
CD DPR A 18 -9.44 -6.90 -0.58
C DPR A 18 -7.36 -9.76 -0.25
O DPR A 18 -6.96 -9.32 0.84
HA DPR A 18 -8.86 -9.71 -1.82
HB2 DPR A 18 -9.42 -9.25 1.06
HB3 DPR A 18 -10.43 -10.01 -0.16
HG2 DPR A 18 -10.97 -7.56 0.74
HG3 DPR A 18 -11.23 -7.99 -0.95
HD2 DPR A 18 -9.03 -6.39 0.30
HD3 DPR A 18 -9.84 -6.18 -1.28
N PRO A 1 -6.97 -10.80 -0.81
CA PRO A 1 -5.79 -11.56 -0.43
C PRO A 1 -4.48 -10.91 -0.91
N VAL A 2 -4.58 -9.80 -1.62
CA VAL A 2 -3.41 -9.14 -2.18
C VAL A 2 -3.20 -7.80 -1.46
N THR A 3 -1.98 -7.38 -1.31
CA THR A 3 -1.67 -6.12 -0.68
C THR A 3 -0.75 -5.32 -1.60
N TRP A 4 -1.03 -4.06 -1.79
CA TRP A 4 -0.22 -3.20 -2.63
C TRP A 4 0.35 -2.08 -1.80
N CYS A 5 1.64 -2.08 -1.63
CA CYS A 5 2.30 -1.05 -0.86
C CYS A 5 3.03 -0.08 -1.77
N VAL A 6 2.64 1.15 -1.73
CA VAL A 6 3.27 2.20 -2.51
C VAL A 6 3.65 3.35 -1.59
N ARG A 7 4.81 3.88 -1.79
CA ARG A 7 5.26 4.95 -0.96
C ARG A 7 5.00 6.29 -1.62
N ILE A 8 4.12 7.03 -1.02
CA ILE A 8 3.75 8.32 -1.48
C ILE A 8 4.46 9.34 -0.61
N DPR A 9 5.49 10.01 -1.14
CA DPR A 9 6.33 10.91 -0.37
CB DPR A 9 7.44 11.31 -1.36
CG DPR A 9 6.81 11.15 -2.70
CD DPR A 9 5.89 9.97 -2.56
C DPR A 9 6.96 10.17 0.83
O DPR A 9 7.57 9.10 0.66
HA DPR A 9 5.79 11.78 -0.03
HB2 DPR A 9 8.29 10.67 -1.24
HB3 DPR A 9 7.72 12.34 -1.18
HG2 DPR A 9 7.57 10.93 -3.44
HG3 DPR A 9 6.26 12.03 -2.96
HD2 DPR A 9 6.40 9.05 -2.80
HD3 DPR A 9 5.04 10.10 -3.22
N PRO A 10 6.79 10.68 2.04
CA PRO A 10 7.32 10.04 3.23
C PRO A 10 6.33 9.06 3.88
N THR A 11 5.25 8.75 3.17
CA THR A 11 4.23 7.87 3.71
C THR A 11 3.92 6.68 2.80
N VAL A 12 4.08 5.49 3.33
CA VAL A 12 3.82 4.29 2.57
C VAL A 12 2.41 3.78 2.86
N ARG A 13 1.65 3.55 1.82
CA ARG A 13 0.32 3.07 1.99
C ARG A 13 0.21 1.68 1.47
N CYS A 14 -0.28 0.80 2.27
CA CYS A 14 -0.52 -0.54 1.86
C CYS A 14 -2.00 -0.73 1.67
N THR A 15 -2.38 -0.83 0.45
CA THR A 15 -3.74 -0.97 0.09
C THR A 15 -4.05 -2.46 0.06
N VAL A 16 -4.90 -2.88 0.93
CA VAL A 16 -5.25 -4.26 1.02
C VAL A 16 -6.45 -4.54 0.14
N ARG A 17 -6.25 -5.36 -0.85
CA ARG A 17 -7.29 -5.71 -1.76
C ARG A 17 -7.51 -7.21 -1.67
N DPR A 18 -8.46 -7.64 -0.82
CA DPR A 18 -8.71 -9.06 -0.58
CB DPR A 18 -9.77 -9.06 0.53
CG DPR A 18 -10.42 -7.74 0.43
CD DPR A 18 -9.37 -6.78 -0.03
C DPR A 18 -7.44 -9.78 -0.08
O DPR A 18 -6.86 -9.38 0.94
HA DPR A 18 -9.09 -9.55 -1.47
HB2 DPR A 18 -9.29 -9.18 1.48
HB3 DPR A 18 -10.47 -9.86 0.36
HG2 DPR A 18 -10.81 -7.43 1.39
HG3 DPR A 18 -11.23 -7.77 -0.29
HD2 DPR A 18 -8.86 -6.34 0.81
HD3 DPR A 18 -9.81 -6.01 -0.64
N PRO A 1 -6.02 -11.13 -1.16
CA PRO A 1 -4.79 -11.59 -0.59
C PRO A 1 -3.60 -10.69 -0.95
N VAL A 2 -3.86 -9.53 -1.55
CA VAL A 2 -2.78 -8.69 -2.02
C VAL A 2 -2.76 -7.35 -1.29
N THR A 3 -1.62 -7.02 -0.73
CA THR A 3 -1.44 -5.75 -0.10
C THR A 3 -0.71 -4.82 -1.08
N TRP A 4 -1.43 -3.85 -1.60
CA TRP A 4 -0.89 -2.92 -2.56
C TRP A 4 -0.30 -1.73 -1.84
N CYS A 5 1.00 -1.66 -1.79
CA CYS A 5 1.67 -0.57 -1.11
C CYS A 5 2.24 0.45 -2.08
N VAL A 6 1.66 1.61 -2.06
CA VAL A 6 2.14 2.72 -2.84
C VAL A 6 2.83 3.68 -1.87
N ARG A 7 3.93 4.25 -2.27
CA ARG A 7 4.64 5.13 -1.37
C ARG A 7 4.68 6.54 -1.90
N ILE A 8 4.25 7.44 -1.07
CA ILE A 8 4.27 8.85 -1.34
C ILE A 8 5.37 9.43 -0.47
N DPR A 9 6.60 9.52 -1.00
CA DPR A 9 7.76 9.91 -0.21
CB DPR A 9 8.93 9.74 -1.19
CG DPR A 9 8.32 9.85 -2.54
CD DPR A 9 6.95 9.27 -2.41
C DPR A 9 7.95 8.96 0.97
O DPR A 9 8.03 7.74 0.78
HA DPR A 9 7.71 10.93 0.13
HB2 DPR A 9 9.38 8.77 -1.04
HB3 DPR A 9 9.67 10.51 -1.03
HG2 DPR A 9 8.90 9.27 -3.25
HG3 DPR A 9 8.27 10.88 -2.84
HD2 DPR A 9 6.96 8.21 -2.62
HD3 DPR A 9 6.27 9.78 -3.07
N PRO A 10 7.96 9.47 2.20
CA PRO A 10 8.10 8.64 3.40
C PRO A 10 6.78 8.05 3.88
N THR A 11 5.70 8.35 3.21
CA THR A 11 4.41 7.86 3.60
C THR A 11 4.01 6.68 2.71
N VAL A 12 3.68 5.59 3.31
CA VAL A 12 3.24 4.43 2.57
C VAL A 12 1.75 4.24 2.74
N ARG A 13 1.10 3.88 1.69
CA ARG A 13 -0.30 3.59 1.70
C ARG A 13 -0.50 2.18 1.19
N CYS A 14 -0.80 1.32 2.09
CA CYS A 14 -1.01 -0.06 1.79
C CYS A 14 -2.48 -0.40 1.83
N THR A 15 -3.02 -0.65 0.67
CA THR A 15 -4.38 -1.05 0.56
C THR A 15 -4.43 -2.55 0.33
N VAL A 16 -4.99 -3.26 1.27
CA VAL A 16 -5.05 -4.68 1.15
C VAL A 16 -6.38 -5.12 0.54
N ARG A 17 -6.29 -5.65 -0.64
CA ARG A 17 -7.43 -6.09 -1.37
C ARG A 17 -7.28 -7.57 -1.64
N DPR A 18 -8.18 -8.38 -1.08
CA DPR A 18 -8.08 -9.82 -1.22
CB DPR A 18 -9.35 -10.34 -0.51
CG DPR A 18 -9.75 -9.24 0.41
CD DPR A 18 -9.33 -7.97 -0.25
C DPR A 18 -6.82 -10.31 -0.51
O DPR A 18 -6.55 -9.91 0.63
HA DPR A 18 -8.07 -10.12 -2.25
HB2 DPR A 18 -9.12 -11.24 0.02
HB3 DPR A 18 -10.12 -10.53 -1.24
HG2 DPR A 18 -9.22 -9.36 1.36
HG3 DPR A 18 -10.81 -9.25 0.57
HD2 DPR A 18 -9.02 -7.26 0.50
HD3 DPR A 18 -10.12 -7.57 -0.86
N PRO A 1 -7.06 -10.40 -0.81
CA PRO A 1 -6.02 -11.04 -0.04
C PRO A 1 -4.61 -10.55 -0.43
N VAL A 2 -4.52 -9.51 -1.26
CA VAL A 2 -3.22 -9.04 -1.74
C VAL A 2 -2.91 -7.65 -1.20
N THR A 3 -1.75 -7.49 -0.64
CA THR A 3 -1.32 -6.23 -0.11
C THR A 3 -0.39 -5.51 -1.09
N TRP A 4 -0.84 -4.39 -1.58
CA TRP A 4 -0.07 -3.57 -2.50
C TRP A 4 0.45 -2.36 -1.72
N CYS A 5 1.73 -2.22 -1.59
CA CYS A 5 2.25 -1.09 -0.83
C CYS A 5 2.79 -0.01 -1.75
N VAL A 6 2.10 1.11 -1.76
CA VAL A 6 2.44 2.23 -2.60
C VAL A 6 3.10 3.33 -1.76
N ARG A 7 4.17 3.89 -2.27
CA ARG A 7 4.86 4.94 -1.58
C ARG A 7 4.30 6.29 -1.98
N ILE A 8 3.82 7.01 -1.00
CA ILE A 8 3.28 8.33 -1.20
C ILE A 8 4.14 9.30 -0.40
N DPR A 9 5.16 9.91 -1.04
CA DPR A 9 6.09 10.81 -0.36
CB DPR A 9 7.10 11.19 -1.46
CG DPR A 9 6.91 10.19 -2.53
CD DPR A 9 5.47 9.79 -2.47
C DPR A 9 6.81 10.10 0.79
O DPR A 9 7.48 9.08 0.57
HA DPR A 9 5.60 11.70 0.02
HB2 DPR A 9 8.10 11.15 -1.06
HB3 DPR A 9 6.89 12.20 -1.81
HG2 DPR A 9 7.54 9.34 -2.35
HG3 DPR A 9 7.14 10.63 -3.49
HD2 DPR A 9 5.35 8.77 -2.81
HD3 DPR A 9 4.86 10.46 -3.05
N PRO A 10 6.66 10.59 2.02
CA PRO A 10 7.31 9.99 3.18
C PRO A 10 6.53 8.81 3.76
N THR A 11 5.33 8.60 3.28
CA THR A 11 4.47 7.58 3.84
C THR A 11 4.20 6.47 2.84
N VAL A 12 4.36 5.25 3.27
CA VAL A 12 4.06 4.14 2.41
C VAL A 12 2.73 3.54 2.85
N ARG A 13 1.79 3.50 1.94
CA ARG A 13 0.45 3.03 2.23
C ARG A 13 0.25 1.66 1.64
N CYS A 14 -0.10 0.73 2.47
CA CYS A 14 -0.38 -0.60 2.01
C CYS A 14 -1.86 -0.77 1.78
N THR A 15 -2.23 -0.77 0.53
CA THR A 15 -3.57 -0.91 0.12
C THR A 15 -3.85 -2.39 -0.08
N VAL A 16 -4.65 -2.94 0.79
CA VAL A 16 -4.99 -4.34 0.72
C VAL A 16 -6.18 -4.51 -0.19
N ARG A 17 -5.96 -5.18 -1.27
CA ARG A 17 -6.97 -5.46 -2.24
C ARG A 17 -7.29 -6.94 -2.17
N DPR A 18 -8.39 -7.29 -1.53
CA DPR A 18 -8.74 -8.68 -1.31
CB DPR A 18 -10.13 -8.63 -0.63
CG DPR A 18 -10.23 -7.25 -0.08
CD DPR A 18 -9.41 -6.38 -0.97
C DPR A 18 -7.71 -9.33 -0.37
O DPR A 18 -7.47 -8.85 0.75
HA DPR A 18 -8.79 -9.23 -2.23
HB2 DPR A 18 -10.16 -9.37 0.15
HB3 DPR A 18 -10.89 -8.83 -1.36
HG2 DPR A 18 -9.84 -7.24 0.92
HG3 DPR A 18 -11.27 -6.94 -0.09
HD2 DPR A 18 -8.93 -5.60 -0.39
HD3 DPR A 18 -10.01 -5.95 -1.75
N PRO A 1 -6.46 -10.59 -0.39
CA PRO A 1 -5.14 -11.07 0.03
C PRO A 1 -4.00 -10.32 -0.68
N VAL A 2 -4.34 -9.39 -1.54
CA VAL A 2 -3.38 -8.62 -2.27
C VAL A 2 -3.11 -7.32 -1.52
N THR A 3 -1.88 -7.00 -1.30
CA THR A 3 -1.54 -5.81 -0.56
C THR A 3 -0.51 -4.98 -1.32
N TRP A 4 -0.96 -3.89 -1.89
CA TRP A 4 -0.11 -2.99 -2.63
C TRP A 4 0.43 -1.90 -1.73
N CYS A 5 1.65 -2.04 -1.32
CA CYS A 5 2.27 -1.03 -0.50
C CYS A 5 3.03 -0.06 -1.37
N VAL A 6 2.43 1.07 -1.61
CA VAL A 6 3.00 2.09 -2.46
C VAL A 6 3.52 3.25 -1.62
N ARG A 7 4.73 3.67 -1.87
CA ARG A 7 5.29 4.77 -1.16
C ARG A 7 4.76 6.08 -1.70
N ILE A 8 3.96 6.70 -0.90
CA ILE A 8 3.38 7.96 -1.19
C ILE A 8 4.11 9.01 -0.33
N DPR A 9 4.93 9.83 -0.96
CA DPR A 9 5.78 10.79 -0.27
CB DPR A 9 6.61 11.42 -1.38
CG DPR A 9 5.84 11.16 -2.63
CD DPR A 9 5.11 9.88 -2.41
C DPR A 9 6.69 10.06 0.72
O DPR A 9 7.40 9.12 0.35
HA DPR A 9 5.19 11.54 0.24
HB2 DPR A 9 7.58 10.94 -1.42
HB3 DPR A 9 6.74 12.48 -1.20
HG2 DPR A 9 6.52 11.07 -3.48
HG3 DPR A 9 5.14 11.97 -2.80
HD2 DPR A 9 5.67 9.03 -2.75
HD3 DPR A 9 4.13 9.92 -2.87
N PRO A 10 6.68 10.46 1.99
CA PRO A 10 7.49 9.82 3.01
C PRO A 10 6.75 8.67 3.72
N THR A 11 5.58 8.34 3.22
CA THR A 11 4.76 7.34 3.83
C THR A 11 4.50 6.17 2.88
N VAL A 12 4.04 5.08 3.42
CA VAL A 12 3.73 3.93 2.62
C VAL A 12 2.26 3.61 2.78
N ARG A 13 1.56 3.55 1.68
CA ARG A 13 0.16 3.25 1.69
C ARG A 13 -0.06 1.83 1.20
N CYS A 14 -0.44 0.98 2.09
CA CYS A 14 -0.73 -0.39 1.76
C CYS A 14 -2.20 -0.55 1.45
N THR A 15 -2.47 -0.74 0.19
CA THR A 15 -3.80 -0.93 -0.31
C THR A 15 -4.11 -2.42 -0.30
N VAL A 16 -5.00 -2.79 0.55
CA VAL A 16 -5.33 -4.18 0.71
C VAL A 16 -6.57 -4.53 -0.10
N ARG A 17 -6.37 -5.30 -1.13
CA ARG A 17 -7.43 -5.80 -1.96
C ARG A 17 -7.52 -7.29 -1.69
N DPR A 18 -8.36 -7.73 -0.76
CA DPR A 18 -8.43 -9.12 -0.36
CB DPR A 18 -9.54 -9.15 0.71
CG DPR A 18 -9.67 -7.74 1.17
CD DPR A 18 -9.31 -6.88 -0.01
C DPR A 18 -7.09 -9.60 0.23
O DPR A 18 -6.62 -9.05 1.23
HA DPR A 18 -8.71 -9.75 -1.19
HB2 DPR A 18 -9.25 -9.80 1.51
HB3 DPR A 18 -10.46 -9.50 0.27
HG2 DPR A 18 -8.98 -7.55 1.98
HG3 DPR A 18 -10.68 -7.53 1.47
HD2 DPR A 18 -8.83 -5.97 0.32
HD3 DPR A 18 -10.17 -6.66 -0.60
N PRO A 1 -6.49 -10.64 -0.94
CA PRO A 1 -5.32 -11.22 -0.32
C PRO A 1 -4.01 -10.50 -0.72
N VAL A 2 -4.12 -9.49 -1.57
CA VAL A 2 -2.95 -8.82 -2.07
C VAL A 2 -2.86 -7.43 -1.46
N THR A 3 -1.78 -7.16 -0.80
CA THR A 3 -1.58 -5.88 -0.18
C THR A 3 -0.65 -5.03 -1.02
N TRP A 4 -1.19 -3.99 -1.62
CA TRP A 4 -0.41 -3.11 -2.46
C TRP A 4 0.13 -1.98 -1.61
N CYS A 5 1.42 -1.84 -1.58
CA CYS A 5 2.05 -0.80 -0.83
C CYS A 5 2.67 0.24 -1.74
N VAL A 6 1.98 1.34 -1.93
CA VAL A 6 2.43 2.42 -2.77
C VAL A 6 3.06 3.53 -1.91
N ARG A 7 4.26 3.91 -2.23
CA ARG A 7 4.97 4.89 -1.44
C ARG A 7 4.71 6.29 -1.97
N ILE A 8 4.07 7.09 -1.18
CA ILE A 8 3.86 8.48 -1.48
C ILE A 8 4.72 9.29 -0.52
N DPR A 9 5.90 9.73 -1.00
CA DPR A 9 6.86 10.47 -0.17
CB DPR A 9 8.03 10.74 -1.12
CG DPR A 9 7.86 9.78 -2.24
CD DPR A 9 6.40 9.57 -2.38
C DPR A 9 7.32 9.62 1.02
O DPR A 9 7.88 8.53 0.85
HA DPR A 9 6.44 11.40 0.18
HB2 DPR A 9 8.96 10.57 -0.59
HB3 DPR A 9 7.99 11.76 -1.45
HG2 DPR A 9 8.36 8.85 -2.01
HG3 DPR A 9 8.26 10.21 -3.15
HD2 DPR A 9 6.19 8.56 -2.74
HD3 DPR A 9 5.95 10.30 -3.05
N PRO A 10 7.10 10.11 2.24
CA PRO A 10 7.46 9.39 3.46
C PRO A 10 6.40 8.38 3.89
N THR A 11 5.27 8.38 3.23
CA THR A 11 4.19 7.52 3.64
C THR A 11 3.88 6.46 2.61
N VAL A 12 4.06 5.23 2.98
CA VAL A 12 3.68 4.15 2.13
C VAL A 12 2.26 3.73 2.51
N ARG A 13 1.42 3.61 1.53
CA ARG A 13 0.06 3.26 1.75
C ARG A 13 -0.14 1.82 1.34
N CYS A 14 -0.38 0.98 2.29
CA CYS A 14 -0.63 -0.41 2.05
C CYS A 14 -2.11 -0.68 2.01
N THR A 15 -2.61 -0.75 0.83
CA THR A 15 -4.00 -1.00 0.62
C THR A 15 -4.19 -2.48 0.39
N VAL A 16 -4.91 -3.13 1.26
CA VAL A 16 -5.16 -4.53 1.10
C VAL A 16 -6.34 -4.77 0.19
N ARG A 17 -6.06 -5.35 -0.95
CA ARG A 17 -7.08 -5.67 -1.91
C ARG A 17 -7.23 -7.18 -1.94
N DPR A 18 -8.25 -7.71 -1.25
CA DPR A 18 -8.42 -9.14 -1.10
CB DPR A 18 -9.70 -9.29 -0.27
CG DPR A 18 -10.38 -7.97 -0.34
CD DPR A 18 -9.31 -6.95 -0.56
C DPR A 18 -7.22 -9.73 -0.34
O DPR A 18 -6.95 -9.32 0.80
HA DPR A 18 -8.53 -9.63 -2.06
HB2 DPR A 18 -9.43 -9.54 0.74
HB3 DPR A 18 -10.32 -10.07 -0.69
HG2 DPR A 18 -10.90 -7.77 0.59
HG3 DPR A 18 -11.07 -7.95 -1.16
HD2 DPR A 18 -8.95 -6.55 0.38
HD3 DPR A 18 -9.69 -6.16 -1.18
N PRO A 1 -6.53 -11.11 -0.58
CA PRO A 1 -5.30 -11.71 -0.13
C PRO A 1 -4.05 -11.02 -0.72
N VAL A 2 -4.27 -9.99 -1.51
CA VAL A 2 -3.18 -9.28 -2.14
C VAL A 2 -3.06 -7.90 -1.49
N THR A 3 -1.85 -7.43 -1.30
CA THR A 3 -1.65 -6.14 -0.70
C THR A 3 -0.67 -5.30 -1.53
N TRP A 4 -1.08 -4.10 -1.85
CA TRP A 4 -0.26 -3.19 -2.62
C TRP A 4 0.10 -2.01 -1.78
N CYS A 5 1.28 -1.50 -1.93
CA CYS A 5 1.71 -0.38 -1.15
C CYS A 5 2.11 0.77 -2.05
N VAL A 6 1.52 1.91 -1.81
CA VAL A 6 1.77 3.10 -2.56
C VAL A 6 2.75 3.95 -1.78
N ARG A 7 3.84 4.30 -2.42
CA ARG A 7 4.87 5.07 -1.80
C ARG A 7 4.78 6.53 -2.21
N ILE A 8 4.57 7.38 -1.25
CA ILE A 8 4.48 8.80 -1.49
C ILE A 8 5.45 9.49 -0.51
N DPR A 9 6.72 9.68 -0.90
CA DPR A 9 7.75 10.26 -0.03
CB DPR A 9 9.01 10.27 -0.90
CG DPR A 9 8.51 10.18 -2.30
CD DPR A 9 7.27 9.35 -2.23
C DPR A 9 7.96 9.38 1.20
O DPR A 9 8.31 8.20 1.07
HA DPR A 9 7.49 11.27 0.28
HB2 DPR A 9 9.62 9.42 -0.64
HB3 DPR A 9 9.56 11.18 -0.73
HG2 DPR A 9 9.24 9.72 -2.92
HG3 DPR A 9 8.26 11.17 -2.66
HD2 DPR A 9 7.53 8.30 -2.29
HD3 DPR A 9 6.59 9.62 -3.03
N PRO A 10 7.75 9.91 2.42
CA PRO A 10 7.87 9.13 3.65
C PRO A 10 6.55 8.43 3.99
N THR A 11 5.53 8.73 3.24
CA THR A 11 4.23 8.19 3.45
C THR A 11 4.06 6.91 2.63
N VAL A 12 3.62 5.87 3.26
CA VAL A 12 3.42 4.62 2.61
C VAL A 12 2.03 4.07 2.95
N ARG A 13 1.27 3.81 1.94
CA ARG A 13 -0.10 3.35 2.10
C ARG A 13 -0.23 1.94 1.57
N CYS A 14 -0.48 1.00 2.43
CA CYS A 14 -0.68 -0.35 2.00
C CYS A 14 -2.16 -0.67 1.95
N THR A 15 -2.63 -0.88 0.77
CA THR A 15 -4.01 -1.15 0.51
C THR A 15 -4.21 -2.65 0.30
N VAL A 16 -5.16 -3.20 1.02
CA VAL A 16 -5.46 -4.59 0.89
C VAL A 16 -6.51 -4.81 -0.18
N ARG A 17 -6.25 -5.76 -1.01
CA ARG A 17 -7.14 -6.21 -2.04
C ARG A 17 -7.32 -7.69 -1.84
N DPR A 18 -8.21 -8.09 -0.91
CA DPR A 18 -8.39 -9.49 -0.56
CB DPR A 18 -9.47 -9.47 0.52
CG DPR A 18 -10.13 -8.14 0.42
CD DPR A 18 -9.11 -7.21 -0.14
C DPR A 18 -7.09 -10.06 0.02
O DPR A 18 -6.55 -9.52 1.01
HA DPR A 18 -8.72 -10.08 -1.40
HB2 DPR A 18 -9.01 -9.60 1.50
HB3 DPR A 18 -10.17 -10.27 0.36
HG2 DPR A 18 -10.46 -7.82 1.39
HG3 DPR A 18 -10.97 -8.21 -0.26
HD2 DPR A 18 -8.56 -6.72 0.66
HD3 DPR A 18 -9.58 -6.47 -0.77
N PRO A 1 -6.49 -10.78 -1.44
CA PRO A 1 -5.28 -11.47 -1.01
C PRO A 1 -4.00 -10.65 -1.28
N VAL A 2 -4.11 -9.46 -1.86
CA VAL A 2 -2.92 -8.72 -2.22
C VAL A 2 -2.83 -7.42 -1.44
N THR A 3 -1.70 -7.22 -0.82
CA THR A 3 -1.41 -6.01 -0.11
C THR A 3 -0.69 -5.05 -1.07
N TRP A 4 -1.35 -3.99 -1.45
CA TRP A 4 -0.77 -3.04 -2.36
C TRP A 4 -0.18 -1.89 -1.57
N CYS A 5 1.08 -1.92 -1.37
CA CYS A 5 1.76 -0.88 -0.66
C CYS A 5 2.24 0.16 -1.64
N VAL A 6 1.62 1.31 -1.59
CA VAL A 6 2.00 2.40 -2.44
C VAL A 6 2.81 3.41 -1.64
N ARG A 7 3.84 3.92 -2.24
CA ARG A 7 4.71 4.87 -1.61
C ARG A 7 4.52 6.23 -2.23
N ILE A 8 4.41 7.22 -1.39
CA ILE A 8 4.29 8.60 -1.82
C ILE A 8 5.16 9.42 -0.87
N DPR A 9 6.40 9.75 -1.27
CA DPR A 9 7.33 10.49 -0.41
CB DPR A 9 8.61 10.61 -1.27
CG DPR A 9 8.46 9.58 -2.34
CD DPR A 9 6.99 9.42 -2.58
C DPR A 9 7.63 9.69 0.87
O DPR A 9 8.09 8.54 0.80
HA DPR A 9 6.95 11.46 -0.16
HB2 DPR A 9 9.48 10.43 -0.65
HB3 DPR A 9 8.67 11.60 -1.68
HG2 DPR A 9 8.89 8.64 -2.00
HG3 DPR A 9 8.97 9.92 -3.24
HD2 DPR A 9 6.77 8.40 -2.86
HD3 DPR A 9 6.67 10.11 -3.34
N PRO A 10 7.35 10.25 2.05
CA PRO A 10 7.58 9.56 3.30
C PRO A 10 6.39 8.68 3.70
N THR A 11 5.35 8.74 2.91
CA THR A 11 4.15 8.02 3.20
C THR A 11 4.15 6.68 2.47
N VAL A 12 3.80 5.64 3.18
CA VAL A 12 3.61 4.35 2.60
C VAL A 12 2.25 3.82 3.04
N ARG A 13 1.42 3.52 2.10
CA ARG A 13 0.10 3.07 2.41
C ARG A 13 -0.13 1.69 1.85
N CYS A 14 -0.29 0.75 2.71
CA CYS A 14 -0.58 -0.59 2.32
C CYS A 14 -2.06 -0.83 2.28
N THR A 15 -2.57 -0.80 1.09
CA THR A 15 -3.95 -1.00 0.85
C THR A 15 -4.15 -2.44 0.39
N VAL A 16 -4.76 -3.22 1.22
CA VAL A 16 -4.95 -4.62 0.93
C VAL A 16 -6.25 -4.85 0.17
N ARG A 17 -6.13 -5.41 -0.98
CA ARG A 17 -7.25 -5.73 -1.81
C ARG A 17 -7.32 -7.22 -1.93
N DPR A 18 -8.25 -7.84 -1.19
CA DPR A 18 -8.41 -9.28 -1.17
CB DPR A 18 -9.59 -9.53 -0.22
CG DPR A 18 -9.70 -8.28 0.59
CD DPR A 18 -9.22 -7.17 -0.30
C DPR A 18 -7.14 -9.95 -0.63
O DPR A 18 -6.71 -9.67 0.50
HA DPR A 18 -8.63 -9.67 -2.16
HB2 DPR A 18 -9.38 -10.38 0.40
HB3 DPR A 18 -10.49 -9.70 -0.79
HG2 DPR A 18 -9.07 -8.36 1.47
HG3 DPR A 18 -10.73 -8.12 0.88
HD2 DPR A 18 -8.74 -6.42 0.30
HD3 DPR A 18 -10.04 -6.76 -0.86
N PRO A 1 -6.72 -10.46 -1.29
CA PRO A 1 -5.64 -11.06 -0.53
C PRO A 1 -4.27 -10.42 -0.83
N VAL A 2 -4.25 -9.37 -1.63
CA VAL A 2 -2.99 -8.77 -2.02
C VAL A 2 -2.77 -7.46 -1.28
N THR A 3 -1.66 -7.38 -0.59
CA THR A 3 -1.26 -6.19 0.09
C THR A 3 -0.50 -5.29 -0.91
N TRP A 4 -1.02 -4.14 -1.19
CA TRP A 4 -0.37 -3.20 -2.07
C TRP A 4 0.23 -2.07 -1.30
N CYS A 5 1.50 -2.14 -1.09
CA CYS A 5 2.20 -1.09 -0.41
C CYS A 5 2.69 -0.08 -1.42
N VAL A 6 1.94 0.99 -1.53
CA VAL A 6 2.25 2.04 -2.45
C VAL A 6 2.95 3.17 -1.71
N ARG A 7 3.84 3.84 -2.39
CA ARG A 7 4.62 4.88 -1.76
C ARG A 7 4.11 6.25 -2.13
N ILE A 8 3.75 7.03 -1.14
CA ILE A 8 3.32 8.39 -1.37
C ILE A 8 4.27 9.30 -0.60
N DPR A 9 5.27 9.88 -1.29
CA DPR A 9 6.28 10.72 -0.65
CB DPR A 9 7.26 11.02 -1.79
CG DPR A 9 6.46 10.88 -3.03
CD DPR A 9 5.49 9.78 -2.75
C DPR A 9 7.00 9.97 0.48
O DPR A 9 7.63 8.92 0.25
HA DPR A 9 5.86 11.64 -0.28
HB2 DPR A 9 8.08 10.31 -1.77
HB3 DPR A 9 7.66 12.03 -1.69
HG2 DPR A 9 7.10 10.61 -3.87
HG3 DPR A 9 5.94 11.80 -3.23
HD2 DPR A 9 5.90 8.81 -3.01
HD3 DPR A 9 4.57 9.97 -3.30
N PRO A 10 6.89 10.45 1.72
CA PRO A 10 7.52 9.82 2.86
C PRO A 10 6.66 8.72 3.51
N THR A 11 5.46 8.51 3.02
CA THR A 11 4.56 7.58 3.64
C THR A 11 4.23 6.39 2.73
N VAL A 12 4.44 5.20 3.24
CA VAL A 12 4.07 4.00 2.54
C VAL A 12 2.65 3.63 2.96
N ARG A 13 1.82 3.37 2.01
CA ARG A 13 0.44 3.04 2.26
C ARG A 13 0.18 1.62 1.79
N CYS A 14 -0.06 0.73 2.70
CA CYS A 14 -0.37 -0.62 2.34
C CYS A 14 -1.87 -0.83 2.27
N THR A 15 -2.37 -0.75 1.07
CA THR A 15 -3.75 -0.90 0.78
C THR A 15 -4.02 -2.39 0.50
N VAL A 16 -5.06 -2.94 1.06
CA VAL A 16 -5.35 -4.32 0.84
C VAL A 16 -6.41 -4.50 -0.25
N ARG A 17 -6.04 -5.16 -1.29
CA ARG A 17 -6.96 -5.45 -2.37
C ARG A 17 -7.15 -6.94 -2.40
N DPR A 18 -8.28 -7.43 -1.87
CA DPR A 18 -8.49 -8.85 -1.73
CB DPR A 18 -9.86 -8.95 -1.02
CG DPR A 18 -10.52 -7.64 -1.26
CD DPR A 18 -9.42 -6.63 -1.39
C DPR A 18 -7.40 -9.42 -0.84
O DPR A 18 -7.14 -8.87 0.24
HA DPR A 18 -8.52 -9.36 -2.68
HB2 DPR A 18 -9.70 -9.12 0.04
HB3 DPR A 18 -10.42 -9.76 -1.44
HG2 DPR A 18 -11.16 -7.40 -0.43
HG3 DPR A 18 -11.08 -7.70 -2.17
HD2 DPR A 18 -9.20 -6.17 -0.44
HD3 DPR A 18 -9.71 -5.89 -2.12
N PRO A 1 -6.93 -10.09 -2.18
CA PRO A 1 -5.99 -10.95 -1.50
C PRO A 1 -4.55 -10.41 -1.51
N VAL A 2 -4.35 -9.18 -1.95
CA VAL A 2 -3.00 -8.62 -2.09
C VAL A 2 -2.83 -7.38 -1.21
N THR A 3 -1.68 -7.25 -0.61
CA THR A 3 -1.36 -6.09 0.18
C THR A 3 -0.40 -5.20 -0.60
N TRP A 4 -0.94 -4.13 -1.14
CA TRP A 4 -0.17 -3.22 -1.96
C TRP A 4 0.42 -2.14 -1.10
N CYS A 5 1.72 -2.09 -1.03
CA CYS A 5 2.39 -1.05 -0.32
C CYS A 5 2.83 0.00 -1.31
N VAL A 6 2.09 1.07 -1.37
CA VAL A 6 2.39 2.15 -2.27
C VAL A 6 3.10 3.24 -1.51
N ARG A 7 4.18 3.71 -2.06
CA ARG A 7 4.97 4.73 -1.45
C ARG A 7 4.73 6.05 -2.13
N ILE A 8 3.89 6.83 -1.54
CA ILE A 8 3.52 8.12 -2.04
C ILE A 8 4.21 9.15 -1.16
N DPR A 9 5.26 9.80 -1.68
CA DPR A 9 6.08 10.70 -0.88
CB DPR A 9 7.18 11.16 -1.84
CG DPR A 9 6.61 10.94 -3.19
CD DPR A 9 5.74 9.72 -3.07
C DPR A 9 6.71 9.93 0.28
O DPR A 9 7.24 8.83 0.10
HA DPR A 9 5.51 11.53 -0.52
HB2 DPR A 9 8.06 10.57 -1.69
HB3 DPR A 9 7.39 12.20 -1.67
HG2 DPR A 9 7.40 10.76 -3.90
HG3 DPR A 9 6.01 11.79 -3.49
HD2 DPR A 9 6.31 8.82 -3.24
HD3 DPR A 9 4.92 9.78 -3.76
N PRO A 10 6.60 10.45 1.50
CA PRO A 10 7.13 9.80 2.67
C PRO A 10 6.07 8.91 3.34
N THR A 11 5.00 8.61 2.63
CA THR A 11 3.95 7.81 3.17
C THR A 11 3.85 6.47 2.42
N VAL A 12 4.02 5.41 3.14
CA VAL A 12 3.91 4.10 2.58
C VAL A 12 2.62 3.48 3.07
N ARG A 13 1.68 3.34 2.19
CA ARG A 13 0.40 2.80 2.53
C ARG A 13 0.28 1.39 2.04
N CYS A 14 0.16 0.48 2.95
CA CYS A 14 -0.04 -0.90 2.63
C CYS A 14 -1.51 -1.21 2.71
N THR A 15 -2.18 -1.04 1.60
CA THR A 15 -3.59 -1.25 1.53
C THR A 15 -3.87 -2.66 1.03
N VAL A 16 -4.66 -3.39 1.76
CA VAL A 16 -5.04 -4.71 1.35
C VAL A 16 -6.20 -4.62 0.37
N ARG A 17 -5.94 -5.01 -0.83
CA ARG A 17 -6.92 -5.01 -1.85
C ARG A 17 -7.14 -6.43 -2.29
N DPR A 18 -8.35 -6.96 -2.09
CA DPR A 18 -8.63 -8.34 -2.38
CB DPR A 18 -10.10 -8.52 -1.96
CG DPR A 18 -10.67 -7.15 -1.94
CD DPR A 18 -9.54 -6.23 -1.60
C DPR A 18 -7.72 -9.25 -1.54
O DPR A 18 -7.72 -9.15 -0.29
HA DPR A 18 -8.52 -8.56 -3.44
HB2 DPR A 18 -10.14 -8.98 -0.99
HB3 DPR A 18 -10.60 -9.14 -2.68
HG2 DPR A 18 -11.44 -7.08 -1.20
HG3 DPR A 18 -11.07 -6.91 -2.91
HD2 DPR A 18 -9.49 -6.08 -0.53
HD3 DPR A 18 -9.66 -5.28 -2.10
N PRO A 1 -6.49 -10.76 -1.23
CA PRO A 1 -5.31 -11.40 -0.69
C PRO A 1 -4.00 -10.62 -1.00
N VAL A 2 -4.10 -9.51 -1.72
CA VAL A 2 -2.92 -8.80 -2.14
C VAL A 2 -2.80 -7.45 -1.43
N THR A 3 -1.70 -7.23 -0.79
CA THR A 3 -1.45 -6.01 -0.11
C THR A 3 -0.55 -5.13 -0.97
N TRP A 4 -1.08 -4.03 -1.45
CA TRP A 4 -0.32 -3.12 -2.27
C TRP A 4 0.16 -1.97 -1.41
N CYS A 5 1.42 -1.94 -1.11
CA CYS A 5 1.96 -0.83 -0.38
C CYS A 5 2.54 0.17 -1.36
N VAL A 6 1.82 1.25 -1.53
CA VAL A 6 2.21 2.29 -2.43
C VAL A 6 2.87 3.40 -1.64
N ARG A 7 3.66 4.20 -2.29
CA ARG A 7 4.39 5.22 -1.58
C ARG A 7 3.95 6.60 -2.00
N ILE A 8 3.76 7.43 -1.02
CA ILE A 8 3.51 8.82 -1.21
C ILE A 8 4.68 9.51 -0.51
N DPR A 9 5.79 9.74 -1.24
CA DPR A 9 7.02 10.26 -0.65
CB DPR A 9 8.03 10.25 -1.83
CG DPR A 9 7.40 9.38 -2.87
CD DPR A 9 5.93 9.53 -2.69
C DPR A 9 7.52 9.33 0.48
O DPR A 9 7.76 8.14 0.26
HA DPR A 9 6.89 11.27 -0.28
HB2 DPR A 9 8.97 9.84 -1.49
HB3 DPR A 9 8.18 11.25 -2.19
HG2 DPR A 9 7.70 8.35 -2.71
HG3 DPR A 9 7.71 9.71 -3.85
HD2 DPR A 9 5.42 8.63 -3.00
HD3 DPR A 9 5.57 10.39 -3.25
N PRO A 10 7.63 9.86 1.69
CA PRO A 10 8.09 9.09 2.84
C PRO A 10 6.99 8.24 3.49
N THR A 11 5.79 8.38 3.04
CA THR A 11 4.68 7.70 3.64
C THR A 11 4.22 6.56 2.72
N VAL A 12 4.01 5.41 3.27
CA VAL A 12 3.53 4.30 2.50
C VAL A 12 2.11 3.99 2.89
N ARG A 13 1.31 3.61 1.94
CA ARG A 13 -0.05 3.25 2.20
C ARG A 13 -0.26 1.83 1.73
N CYS A 14 -0.48 0.95 2.64
CA CYS A 14 -0.75 -0.41 2.30
C CYS A 14 -2.24 -0.61 2.10
N THR A 15 -2.61 -0.71 0.87
CA THR A 15 -3.94 -0.95 0.46
C THR A 15 -4.10 -2.42 0.16
N VAL A 16 -4.84 -3.09 0.97
CA VAL A 16 -5.04 -4.49 0.79
C VAL A 16 -6.29 -4.73 -0.06
N ARG A 17 -6.09 -5.41 -1.14
CA ARG A 17 -7.11 -5.74 -2.05
C ARG A 17 -7.24 -7.24 -2.08
N DPR A 18 -8.23 -7.79 -1.37
CA DPR A 18 -8.38 -9.23 -1.24
CB DPR A 18 -9.60 -9.38 -0.33
CG DPR A 18 -10.33 -8.10 -0.45
CD DPR A 18 -9.27 -7.06 -0.64
C DPR A 18 -7.17 -9.84 -0.56
O DPR A 18 -6.82 -9.47 0.57
HA DPR A 18 -8.56 -9.70 -2.19
HB2 DPR A 18 -9.28 -9.55 0.68
HB3 DPR A 18 -10.20 -10.21 -0.66
HG2 DPR A 18 -10.90 -7.90 0.45
HG3 DPR A 18 -10.99 -8.13 -1.31
HD2 DPR A 18 -8.92 -6.70 0.31
HD3 DPR A 18 -9.68 -6.25 -1.24
N PRO A 1 -6.41 -10.73 -0.68
CA PRO A 1 -5.15 -11.27 -0.22
C PRO A 1 -3.94 -10.50 -0.81
N VAL A 2 -4.21 -9.45 -1.55
CA VAL A 2 -3.17 -8.70 -2.21
C VAL A 2 -3.00 -7.36 -1.51
N THR A 3 -1.81 -7.06 -1.12
CA THR A 3 -1.53 -5.80 -0.49
C THR A 3 -0.63 -4.97 -1.38
N TRP A 4 -1.15 -3.86 -1.81
CA TRP A 4 -0.42 -2.96 -2.65
C TRP A 4 0.19 -1.88 -1.79
N CYS A 5 1.45 -2.01 -1.50
CA CYS A 5 2.12 -0.99 -0.74
C CYS A 5 2.79 0.00 -1.69
N VAL A 6 2.19 1.15 -1.78
CA VAL A 6 2.67 2.20 -2.63
C VAL A 6 3.27 3.30 -1.76
N ARG A 7 4.41 3.79 -2.14
CA ARG A 7 5.02 4.84 -1.39
C ARG A 7 4.58 6.17 -1.94
N ILE A 8 4.10 7.00 -1.07
CA ILE A 8 3.71 8.33 -1.38
C ILE A 8 4.56 9.25 -0.52
N DPR A 9 5.73 9.66 -1.04
CA DPR A 9 6.69 10.44 -0.29
CB DPR A 9 7.83 10.71 -1.29
CG DPR A 9 7.68 9.65 -2.32
CD DPR A 9 6.22 9.37 -2.41
C DPR A 9 7.19 9.62 0.91
O DPR A 9 7.65 8.49 0.75
HA DPR A 9 6.25 11.37 0.05
HB2 DPR A 9 8.78 10.63 -0.78
HB3 DPR A 9 7.72 11.70 -1.71
HG2 DPR A 9 8.22 8.76 -2.02
HG3 DPR A 9 8.06 10.00 -3.27
HD2 DPR A 9 6.05 8.32 -2.65
HD3 DPR A 9 5.74 10.00 -3.13
N PRO A 10 7.07 10.17 2.11
CA PRO A 10 7.48 9.46 3.32
C PRO A 10 6.37 8.56 3.89
N THR A 11 5.22 8.52 3.25
CA THR A 11 4.14 7.72 3.72
C THR A 11 3.96 6.52 2.79
N VAL A 12 3.96 5.36 3.35
CA VAL A 12 3.72 4.18 2.57
C VAL A 12 2.29 3.74 2.80
N ARG A 13 1.56 3.60 1.73
CA ARG A 13 0.20 3.22 1.82
C ARG A 13 0.02 1.80 1.38
N CYS A 14 -0.37 0.96 2.29
CA CYS A 14 -0.61 -0.41 1.98
C CYS A 14 -2.09 -0.65 1.81
N THR A 15 -2.50 -0.66 0.57
CA THR A 15 -3.87 -0.86 0.21
C THR A 15 -4.14 -2.35 0.03
N VAL A 16 -4.95 -2.89 0.88
CA VAL A 16 -5.25 -4.30 0.86
C VAL A 16 -6.48 -4.59 0.03
N ARG A 17 -6.30 -5.36 -1.00
CA ARG A 17 -7.36 -5.80 -1.85
C ARG A 17 -7.42 -7.31 -1.75
N DPR A 18 -8.32 -7.84 -0.90
CA DPR A 18 -8.40 -9.27 -0.64
CB DPR A 18 -9.55 -9.41 0.36
CG DPR A 18 -9.76 -8.04 0.93
CD DPR A 18 -9.32 -7.09 -0.14
C DPR A 18 -7.08 -9.78 -0.02
O DPR A 18 -6.64 -9.30 1.02
HA DPR A 18 -8.61 -9.82 -1.55
HB2 DPR A 18 -9.28 -10.11 1.14
HB3 DPR A 18 -10.44 -9.76 -0.14
HG2 DPR A 18 -9.14 -7.91 1.81
HG3 DPR A 18 -10.79 -7.89 1.18
HD2 DPR A 18 -8.89 -6.20 0.31
HD3 DPR A 18 -10.17 -6.81 -0.77
N PRO A 1 -6.82 -10.29 -2.03
CA PRO A 1 -5.73 -11.11 -1.59
C PRO A 1 -4.35 -10.45 -1.74
N VAL A 2 -4.31 -9.20 -2.20
CA VAL A 2 -3.03 -8.57 -2.46
C VAL A 2 -2.80 -7.34 -1.59
N THR A 3 -1.66 -7.31 -0.95
CA THR A 3 -1.28 -6.23 -0.10
C THR A 3 -0.41 -5.25 -0.92
N TRP A 4 -0.97 -4.10 -1.23
CA TRP A 4 -0.26 -3.11 -2.00
C TRP A 4 0.30 -2.06 -1.06
N CYS A 5 1.59 -2.02 -0.93
CA CYS A 5 2.24 -1.00 -0.14
C CYS A 5 2.84 0.04 -1.06
N VAL A 6 2.12 1.14 -1.20
CA VAL A 6 2.53 2.20 -2.07
C VAL A 6 3.17 3.32 -1.26
N ARG A 7 4.32 3.74 -1.69
CA ARG A 7 5.00 4.82 -1.07
C ARG A 7 4.69 6.09 -1.77
N ILE A 8 3.82 6.84 -1.19
CA ILE A 8 3.40 8.11 -1.70
C ILE A 8 4.26 9.15 -1.01
N DPR A 9 5.19 9.78 -1.74
CA DPR A 9 6.15 10.69 -1.14
CB DPR A 9 7.02 11.16 -2.32
CG DPR A 9 6.21 10.86 -3.53
CD DPR A 9 5.37 9.66 -3.19
C DPR A 9 7.02 9.92 -0.14
O DPR A 9 7.60 8.88 -0.49
HA DPR A 9 5.66 11.53 -0.67
HB2 DPR A 9 7.94 10.61 -2.32
HB3 DPR A 9 7.22 12.21 -2.23
HG2 DPR A 9 6.87 10.63 -4.35
HG3 DPR A 9 5.59 11.70 -3.78
HD2 DPR A 9 5.88 8.75 -3.45
HD3 DPR A 9 4.42 9.72 -3.71
N PRO A 10 7.09 10.38 1.11
CA PRO A 10 7.80 9.69 2.16
C PRO A 10 6.87 8.82 3.05
N THR A 11 5.64 8.66 2.64
CA THR A 11 4.67 7.88 3.40
C THR A 11 4.28 6.61 2.68
N VAL A 12 3.84 5.61 3.39
CA VAL A 12 3.47 4.37 2.77
C VAL A 12 2.03 3.98 3.15
N ARG A 13 1.31 3.51 2.19
CA ARG A 13 -0.03 3.02 2.41
C ARG A 13 -0.08 1.58 2.02
N CYS A 14 -0.37 0.73 2.95
CA CYS A 14 -0.51 -0.67 2.65
C CYS A 14 -1.96 -1.02 2.61
N THR A 15 -2.48 -1.03 1.42
CA THR A 15 -3.87 -1.32 1.19
C THR A 15 -4.02 -2.76 0.76
N VAL A 16 -4.73 -3.53 1.55
CA VAL A 16 -4.97 -4.90 1.22
C VAL A 16 -6.20 -4.97 0.35
N ARG A 17 -5.98 -5.15 -0.91
CA ARG A 17 -7.02 -5.23 -1.88
C ARG A 17 -7.27 -6.68 -2.18
N DPR A 18 -8.36 -7.25 -1.64
CA DPR A 18 -8.64 -8.67 -1.78
CB DPR A 18 -9.90 -8.88 -0.93
CG DPR A 18 -10.53 -7.55 -0.85
CD DPR A 18 -9.41 -6.55 -0.89
C DPR A 18 -7.49 -9.51 -1.21
O DPR A 18 -7.19 -9.40 -0.01
HA DPR A 18 -8.84 -8.94 -2.81
HB2 DPR A 18 -9.61 -9.23 0.05
HB3 DPR A 18 -10.54 -9.60 -1.40
HG2 DPR A 18 -11.09 -7.44 0.07
HG3 DPR A 18 -11.18 -7.40 -1.70
HD2 DPR A 18 -9.07 -6.30 0.11
HD3 DPR A 18 -9.74 -5.66 -1.41
N PRO A 1 -6.91 -10.60 -1.57
CA PRO A 1 -5.86 -11.30 -0.86
C PRO A 1 -4.47 -10.68 -1.08
N VAL A 2 -4.41 -9.54 -1.77
CA VAL A 2 -3.13 -8.93 -2.10
C VAL A 2 -3.00 -7.57 -1.42
N THR A 3 -1.90 -7.35 -0.73
CA THR A 3 -1.64 -6.09 -0.10
C THR A 3 -0.60 -5.31 -0.90
N TRP A 4 -1.00 -4.15 -1.37
CA TRP A 4 -0.14 -3.29 -2.13
C TRP A 4 0.39 -2.19 -1.25
N CYS A 5 1.67 -2.04 -1.20
CA CYS A 5 2.27 -1.00 -0.43
C CYS A 5 2.86 0.02 -1.35
N VAL A 6 2.35 1.21 -1.29
CA VAL A 6 2.77 2.29 -2.15
C VAL A 6 3.37 3.38 -1.29
N ARG A 7 4.49 3.90 -1.69
CA ARG A 7 5.09 4.98 -0.98
C ARG A 7 4.62 6.27 -1.61
N ILE A 8 3.65 6.87 -1.00
CA ILE A 8 3.12 8.12 -1.48
C ILE A 8 3.89 9.22 -0.77
N DPR A 9 4.71 9.97 -1.50
CA DPR A 9 5.64 10.90 -0.88
CB DPR A 9 6.33 11.59 -2.08
CG DPR A 9 5.46 11.30 -3.25
CD DPR A 9 4.81 9.98 -2.97
C DPR A 9 6.65 10.09 -0.07
O DPR A 9 7.30 9.18 -0.60
HA DPR A 9 5.12 11.61 -0.25
HB2 DPR A 9 7.32 11.18 -2.21
HB3 DPR A 9 6.40 12.65 -1.88
HG2 DPR A 9 6.06 11.24 -4.15
HG3 DPR A 9 4.72 12.08 -3.35
HD2 DPR A 9 5.42 9.17 -3.33
HD3 DPR A 9 3.83 9.95 -3.42
N PRO A 10 6.79 10.39 1.21
CA PRO A 10 7.63 9.62 2.10
C PRO A 10 6.81 8.60 2.92
N THR A 11 5.51 8.58 2.69
CA THR A 11 4.63 7.79 3.48
C THR A 11 4.30 6.45 2.82
N VAL A 12 4.62 5.39 3.48
CA VAL A 12 4.35 4.06 3.00
C VAL A 12 2.94 3.66 3.43
N ARG A 13 2.06 3.57 2.49
CA ARG A 13 0.70 3.18 2.74
C ARG A 13 0.42 1.86 2.09
N CYS A 14 -0.21 0.99 2.81
CA CYS A 14 -0.52 -0.31 2.29
C CYS A 14 -2.02 -0.49 2.21
N THR A 15 -2.47 -0.83 1.06
CA THR A 15 -3.85 -1.03 0.82
C THR A 15 -4.08 -2.51 0.45
N VAL A 16 -5.05 -3.11 1.07
CA VAL A 16 -5.34 -4.49 0.83
C VAL A 16 -6.46 -4.65 -0.20
N ARG A 17 -6.13 -5.29 -1.26
CA ARG A 17 -7.05 -5.54 -2.32
C ARG A 17 -7.27 -7.03 -2.44
N DPR A 18 -8.38 -7.51 -1.89
CA DPR A 18 -8.67 -8.94 -1.86
CB DPR A 18 -10.06 -9.02 -1.21
CG DPR A 18 -10.24 -7.74 -0.48
CD DPR A 18 -9.45 -6.71 -1.25
C DPR A 18 -7.62 -9.64 -1.00
O DPR A 18 -7.42 -9.30 0.17
HA DPR A 18 -8.69 -9.35 -2.86
HB2 DPR A 18 -10.09 -9.85 -0.52
HB3 DPR A 18 -10.81 -9.15 -1.97
HG2 DPR A 18 -9.85 -7.82 0.52
HG3 DPR A 18 -11.28 -7.47 -0.46
HD2 DPR A 18 -9.03 -6.00 -0.57
HD3 DPR A 18 -10.07 -6.24 -2.00
N PRO A 1 -6.33 -10.88 -0.64
CA PRO A 1 -5.17 -11.41 0.05
C PRO A 1 -3.86 -10.69 -0.33
N VAL A 2 -3.93 -9.68 -1.18
CA VAL A 2 -2.74 -9.03 -1.66
C VAL A 2 -2.67 -7.58 -1.17
N THR A 3 -1.54 -7.22 -0.63
CA THR A 3 -1.31 -5.90 -0.13
C THR A 3 -0.64 -5.06 -1.23
N TRP A 4 -1.16 -3.88 -1.48
CA TRP A 4 -0.58 -2.99 -2.46
C TRP A 4 -0.12 -1.72 -1.78
N CYS A 5 1.16 -1.61 -1.59
CA CYS A 5 1.76 -0.47 -0.96
C CYS A 5 2.38 0.44 -1.99
N VAL A 6 1.94 1.67 -2.00
CA VAL A 6 2.53 2.69 -2.81
C VAL A 6 3.16 3.71 -1.87
N ARG A 7 4.38 4.06 -2.10
CA ARG A 7 5.04 4.96 -1.19
C ARG A 7 4.86 6.40 -1.59
N ILE A 8 3.88 7.02 -1.00
CA ILE A 8 3.58 8.40 -1.26
C ILE A 8 4.40 9.22 -0.29
N DPR A 9 5.36 9.98 -0.79
CA DPR A 9 6.31 10.68 0.06
CB DPR A 9 7.17 11.48 -0.93
CG DPR A 9 6.38 11.52 -2.18
CD DPR A 9 5.61 10.26 -2.22
C DPR A 9 7.15 9.65 0.81
O DPR A 9 7.74 8.75 0.19
HA DPR A 9 5.80 11.34 0.75
HB2 DPR A 9 8.10 10.95 -1.08
HB3 DPR A 9 7.37 12.47 -0.54
HG2 DPR A 9 7.03 11.60 -3.04
HG3 DPR A 9 5.70 12.37 -2.15
HD2 DPR A 9 6.19 9.46 -2.67
HD3 DPR A 9 4.68 10.40 -2.76
N PRO A 10 7.19 9.71 2.13
CA PRO A 10 7.86 8.73 2.95
C PRO A 10 6.86 7.73 3.54
N THR A 11 5.61 7.84 3.15
CA THR A 11 4.57 7.05 3.72
C THR A 11 4.18 5.92 2.79
N VAL A 12 4.27 4.72 3.27
CA VAL A 12 3.82 3.60 2.50
C VAL A 12 2.32 3.43 2.67
N ARG A 13 1.61 3.80 1.65
CA ARG A 13 0.18 3.72 1.65
C ARG A 13 -0.20 2.34 1.18
N CYS A 14 -0.53 1.51 2.11
CA CYS A 14 -0.84 0.15 1.83
C CYS A 14 -2.32 -0.07 1.81
N THR A 15 -2.84 -0.30 0.65
CA THR A 15 -4.20 -0.63 0.49
C THR A 15 -4.26 -2.14 0.29
N VAL A 16 -5.32 -2.76 0.68
CA VAL A 16 -5.39 -4.18 0.55
C VAL A 16 -6.49 -4.60 -0.41
N ARG A 17 -6.14 -5.47 -1.30
CA ARG A 17 -7.06 -6.04 -2.23
C ARG A 17 -7.11 -7.53 -2.00
N DPR A 18 -8.16 -8.03 -1.34
CA DPR A 18 -8.28 -9.43 -0.97
CB DPR A 18 -9.57 -9.49 -0.13
CG DPR A 18 -10.35 -8.29 -0.55
CD DPR A 18 -9.34 -7.24 -0.92
C DPR A 18 -7.09 -9.90 -0.13
O DPR A 18 -6.81 -9.37 0.96
HA DPR A 18 -8.38 -10.06 -1.85
HB2 DPR A 18 -9.32 -9.44 0.92
HB3 DPR A 18 -10.10 -10.40 -0.34
HG2 DPR A 18 -10.97 -7.95 0.26
HG3 DPR A 18 -10.96 -8.54 -1.41
HD2 DPR A 18 -9.11 -6.63 -0.06
HD3 DPR A 18 -9.72 -6.64 -1.73
N PRO A 1 -6.66 -10.79 -1.62
CA PRO A 1 -5.39 -11.43 -1.41
C PRO A 1 -4.21 -10.59 -1.89
N VAL A 2 -4.51 -9.37 -2.35
CA VAL A 2 -3.47 -8.55 -2.89
C VAL A 2 -3.28 -7.29 -2.05
N THR A 3 -2.13 -7.13 -1.51
CA THR A 3 -1.80 -5.97 -0.75
C THR A 3 -0.82 -5.12 -1.55
N TRP A 4 -1.10 -3.85 -1.63
CA TRP A 4 -0.25 -2.94 -2.35
C TRP A 4 0.31 -1.94 -1.38
N CYS A 5 1.57 -2.03 -1.08
CA CYS A 5 2.22 -1.05 -0.27
C CYS A 5 2.92 -0.07 -1.15
N VAL A 6 2.30 1.05 -1.36
CA VAL A 6 2.84 2.07 -2.23
C VAL A 6 3.54 3.12 -1.41
N ARG A 7 4.63 3.58 -1.91
CA ARG A 7 5.44 4.55 -1.25
C ARG A 7 5.26 5.90 -1.91
N ILE A 8 4.48 6.75 -1.31
CA ILE A 8 4.21 8.06 -1.84
C ILE A 8 4.93 9.11 -1.00
N DPR A 9 6.08 9.62 -1.48
CA DPR A 9 6.87 10.60 -0.74
CB DPR A 9 8.14 10.76 -1.60
CG DPR A 9 7.73 10.35 -2.96
CD DPR A 9 6.68 9.29 -2.79
C DPR A 9 7.26 10.08 0.66
O DPR A 9 7.94 9.05 0.77
HA DPR A 9 6.36 11.54 -0.66
HB2 DPR A 9 8.92 10.12 -1.21
HB3 DPR A 9 8.47 11.79 -1.58
HG2 DPR A 9 8.58 9.95 -3.49
HG3 DPR A 9 7.32 11.20 -3.49
HD2 DPR A 9 7.13 8.31 -2.78
HD3 DPR A 9 5.96 9.37 -3.58
N PRO A 10 6.80 10.74 1.71
CA PRO A 10 7.10 10.35 3.08
C PRO A 10 6.02 9.45 3.69
N THR A 11 5.07 9.03 2.88
CA THR A 11 3.96 8.25 3.35
C THR A 11 3.78 6.97 2.54
N VAL A 12 3.94 5.84 3.19
CA VAL A 12 3.67 4.58 2.54
C VAL A 12 2.24 4.18 2.87
N ARG A 13 1.60 3.47 1.99
CA ARG A 13 0.24 3.04 2.19
C ARG A 13 0.07 1.60 1.76
N CYS A 14 -0.31 0.75 2.68
CA CYS A 14 -0.56 -0.64 2.38
C CYS A 14 -2.04 -0.89 2.27
N THR A 15 -2.54 -0.96 1.06
CA THR A 15 -3.92 -1.25 0.87
C THR A 15 -4.10 -2.75 0.68
N VAL A 16 -4.85 -3.34 1.55
CA VAL A 16 -5.13 -4.75 1.49
C VAL A 16 -6.45 -4.93 0.79
N ARG A 17 -6.40 -5.36 -0.42
CA ARG A 17 -7.57 -5.60 -1.18
C ARG A 17 -7.61 -7.08 -1.56
N DPR A 18 -8.46 -7.86 -0.87
CA DPR A 18 -8.53 -9.30 -1.05
CB DPR A 18 -9.56 -9.75 -0.02
CG DPR A 18 -10.36 -8.55 0.26
CD DPR A 18 -9.43 -7.39 0.13
C DPR A 18 -7.18 -9.94 -0.73
O DPR A 18 -6.57 -9.66 0.30
HA DPR A 18 -8.84 -9.57 -2.05
HB2 DPR A 18 -9.05 -10.10 0.87
HB3 DPR A 18 -10.16 -10.55 -0.42
HG2 DPR A 18 -10.78 -8.59 1.26
HG3 DPR A 18 -11.16 -8.47 -0.47
HD2 DPR A 18 -8.95 -7.18 1.07
HD3 DPR A 18 -9.97 -6.53 -0.22
N PRO A 1 -6.84 -10.60 -0.92
CA PRO A 1 -5.64 -11.20 -0.38
C PRO A 1 -4.36 -10.42 -0.75
N VAL A 2 -4.50 -9.47 -1.66
CA VAL A 2 -3.36 -8.76 -2.19
C VAL A 2 -3.10 -7.49 -1.38
N THR A 3 -1.86 -7.16 -1.18
CA THR A 3 -1.51 -5.94 -0.51
C THR A 3 -0.52 -5.17 -1.38
N TRP A 4 -0.82 -3.93 -1.64
CA TRP A 4 0.00 -3.07 -2.45
C TRP A 4 0.57 -1.99 -1.58
N CYS A 5 1.87 -1.94 -1.49
CA CYS A 5 2.52 -0.90 -0.74
C CYS A 5 3.06 0.16 -1.66
N VAL A 6 2.31 1.22 -1.76
CA VAL A 6 2.65 2.33 -2.61
C VAL A 6 3.23 3.42 -1.74
N ARG A 7 4.48 3.72 -1.94
CA ARG A 7 5.11 4.74 -1.17
C ARG A 7 4.87 6.10 -1.83
N ILE A 8 4.08 6.89 -1.20
CA ILE A 8 3.76 8.20 -1.66
C ILE A 8 4.48 9.18 -0.73
N DPR A 9 5.62 9.72 -1.17
CA DPR A 9 6.44 10.59 -0.33
CB DPR A 9 7.65 10.91 -1.22
CG DPR A 9 7.19 10.67 -2.60
CD DPR A 9 6.21 9.55 -2.51
C DPR A 9 6.90 9.82 0.92
O DPR A 9 7.57 8.78 0.83
HA DPR A 9 5.92 11.48 -0.05
HB2 DPR A 9 8.47 10.26 -0.96
HB3 DPR A 9 7.95 11.95 -1.07
HG2 DPR A 9 8.02 10.40 -3.23
HG3 DPR A 9 6.71 11.56 -2.98
HD2 DPR A 9 6.70 8.60 -2.61
HD3 DPR A 9 5.46 9.67 -3.29
N PRO A 10 6.50 10.28 2.12
CA PRO A 10 6.83 9.62 3.37
C PRO A 10 5.79 8.57 3.77
N THR A 11 4.72 8.47 3.02
CA THR A 11 3.64 7.60 3.37
C THR A 11 3.68 6.31 2.57
N VAL A 12 3.99 5.25 3.23
CA VAL A 12 3.93 3.94 2.65
C VAL A 12 2.50 3.46 2.79
N ARG A 13 1.76 3.59 1.73
CA ARG A 13 0.37 3.25 1.73
C ARG A 13 0.22 1.79 1.36
N CYS A 14 0.12 0.94 2.34
CA CYS A 14 -0.10 -0.47 2.08
C CYS A 14 -1.57 -0.75 2.06
N THR A 15 -2.13 -0.71 0.90
CA THR A 15 -3.53 -0.92 0.72
C THR A 15 -3.79 -2.40 0.46
N VAL A 16 -4.82 -2.92 1.05
CA VAL A 16 -5.15 -4.30 0.89
C VAL A 16 -6.39 -4.43 0.00
N ARG A 17 -6.29 -5.31 -0.95
CA ARG A 17 -7.36 -5.60 -1.86
C ARG A 17 -7.54 -7.10 -1.86
N DPR A 18 -8.54 -7.60 -1.12
CA DPR A 18 -8.73 -9.04 -0.95
CB DPR A 18 -9.94 -9.13 -0.01
CG DPR A 18 -10.64 -7.83 -0.16
CD DPR A 18 -9.57 -6.82 -0.42
C DPR A 18 -7.49 -9.64 -0.28
O DPR A 18 -7.10 -9.21 0.81
HA DPR A 18 -8.94 -9.53 -1.89
HB2 DPR A 18 -9.59 -9.28 1.01
HB3 DPR A 18 -10.56 -9.97 -0.30
HG2 DPR A 18 -11.17 -7.59 0.75
HG3 DPR A 18 -11.32 -7.89 -0.99
HD2 DPR A 18 -9.19 -6.41 0.50
HD3 DPR A 18 -9.97 -6.03 -1.05
#